data_8CLR
#
_entry.id   8CLR
#
_cell.length_a   1.00
_cell.length_b   1.00
_cell.length_c   1.00
_cell.angle_alpha   90.00
_cell.angle_beta   90.00
_cell.angle_gamma   90.00
#
_symmetry.space_group_name_H-M   'P 1'
#
_entity_poly.entity_id   1
_entity_poly.type   'polyribonucleotide'
_entity_poly.pdbx_seq_one_letter_code
;GGCAGCUUGCUGCC
;
_entity_poly.pdbx_strand_id   A
#